data_1XXO
#
_entry.id   1XXO
#
_cell.length_a   46.949
_cell.length_b   55.386
_cell.length_c   54.840
_cell.angle_alpha   90.00
_cell.angle_beta   108.17
_cell.angle_gamma   90.00
#
_symmetry.space_group_name_H-M   'P 1 21 1'
#
loop_
_entity.id
_entity.type
_entity.pdbx_description
1 polymer 'hypothetical protein Rv1155'
2 water water
#
_entity_poly.entity_id   1
_entity_poly.type   'polypeptide(L)'
_entity_poly.pdbx_seq_one_letter_code
;MARQVFDDKLLAVISGNSIGVLATIKHDGRPQLSNVQYHFDPRKLLIQVSIAEPRAKTRNLRRDPRASILVDADDGWSYA
VAEGTAQLTPPAAAPDDDTVEALIALYRNIAGEHSDWDDYRQAMVTDRRVLLTLPISHVYGLPPGMR
;
_entity_poly.pdbx_strand_id   A,B
#
# COMPACT_ATOMS: atom_id res chain seq x y z
N VAL A 5 14.12 -7.47 18.57
CA VAL A 5 12.85 -8.01 17.99
C VAL A 5 12.71 -7.60 16.52
N PHE A 6 12.83 -6.31 16.25
CA PHE A 6 12.71 -5.78 14.89
C PHE A 6 14.04 -5.67 14.16
N ASP A 7 13.99 -5.83 12.85
CA ASP A 7 15.16 -5.73 11.99
C ASP A 7 15.57 -4.25 11.85
N ASP A 8 16.75 -3.91 12.37
CA ASP A 8 17.25 -2.54 12.29
C ASP A 8 17.31 -2.01 10.87
N LYS A 9 17.56 -2.90 9.90
CA LYS A 9 17.63 -2.49 8.51
C LYS A 9 16.26 -2.01 8.04
N LEU A 10 15.20 -2.62 8.56
CA LEU A 10 13.85 -2.21 8.18
C LEU A 10 13.47 -0.93 8.91
N LEU A 11 13.94 -0.78 10.15
CA LEU A 11 13.65 0.43 10.91
C LEU A 11 14.34 1.63 10.24
N ALA A 12 15.51 1.38 9.65
CA ALA A 12 16.25 2.46 8.99
C ALA A 12 15.48 2.97 7.77
N VAL A 13 14.75 2.09 7.11
CA VAL A 13 13.98 2.50 5.95
C VAL A 13 12.91 3.47 6.43
N ILE A 14 12.22 3.09 7.50
CA ILE A 14 11.17 3.95 8.04
C ILE A 14 11.74 5.30 8.48
N SER A 15 12.93 5.29 9.05
CA SER A 15 13.57 6.52 9.50
C SER A 15 14.03 7.42 8.36
N GLY A 16 14.32 6.83 7.20
CA GLY A 16 14.80 7.61 6.07
C GLY A 16 13.76 8.06 5.07
N ASN A 17 12.49 8.03 5.47
CA ASN A 17 11.40 8.44 4.59
C ASN A 17 10.37 9.18 5.45
N SER A 18 9.39 9.82 4.83
CA SER A 18 8.37 10.53 5.59
C SER A 18 6.97 10.30 5.05
N ILE A 19 6.86 9.47 4.00
CA ILE A 19 5.55 9.14 3.46
C ILE A 19 5.47 7.63 3.22
N GLY A 20 4.26 7.11 3.28
CA GLY A 20 4.06 5.68 3.06
C GLY A 20 2.63 5.37 2.75
N VAL A 21 2.32 4.08 2.59
CA VAL A 21 0.96 3.67 2.27
C VAL A 21 0.28 3.15 3.52
N LEU A 22 -0.74 3.88 3.96
CA LEU A 22 -1.49 3.51 5.14
C LEU A 22 -2.60 2.56 4.73
N ALA A 23 -2.79 1.50 5.53
CA ALA A 23 -3.86 0.54 5.24
C ALA A 23 -4.73 0.35 6.48
N THR A 24 -6.02 0.61 6.35
CA THR A 24 -6.95 0.41 7.46
C THR A 24 -8.01 -0.57 6.97
N ILE A 25 -8.88 -1.02 7.86
CA ILE A 25 -9.89 -2.00 7.49
C ILE A 25 -11.28 -1.41 7.35
N LYS A 26 -11.87 -1.56 6.16
CA LYS A 26 -13.22 -1.05 5.90
C LYS A 26 -14.27 -2.04 6.42
N HIS A 27 -15.51 -1.61 6.47
CA HIS A 27 -16.58 -2.48 6.97
C HIS A 27 -16.65 -3.85 6.32
N ASP A 28 -16.55 -3.90 4.99
CA ASP A 28 -16.64 -5.18 4.29
C ASP A 28 -15.40 -6.07 4.47
N GLY A 29 -14.44 -5.59 5.24
CA GLY A 29 -13.24 -6.36 5.48
C GLY A 29 -12.09 -6.01 4.55
N ARG A 30 -12.37 -5.24 3.50
CA ARG A 30 -11.32 -4.85 2.55
C ARG A 30 -10.46 -3.76 3.13
N PRO A 31 -9.17 -3.73 2.75
CA PRO A 31 -8.26 -2.70 3.25
C PRO A 31 -8.56 -1.40 2.50
N GLN A 32 -8.34 -0.27 3.15
CA GLN A 32 -8.53 1.04 2.53
C GLN A 32 -7.09 1.58 2.46
N LEU A 33 -6.65 1.95 1.26
CA LEU A 33 -5.29 2.45 1.08
C LEU A 33 -5.20 3.93 0.74
N SER A 34 -4.12 4.57 1.20
CA SER A 34 -3.89 5.98 0.94
C SER A 34 -2.42 6.34 1.15
N ASN A 35 -1.96 7.39 0.48
CA ASN A 35 -0.58 7.87 0.65
C ASN A 35 -0.64 8.91 1.75
N VAL A 36 0.12 8.70 2.82
CA VAL A 36 0.13 9.63 3.94
C VAL A 36 1.53 10.06 4.36
N GLN A 37 1.58 11.17 5.07
CA GLN A 37 2.82 11.72 5.62
C GLN A 37 2.86 11.17 7.04
N TYR A 38 4.05 10.81 7.54
CA TYR A 38 4.15 10.27 8.90
C TYR A 38 5.37 10.75 9.68
N HIS A 39 5.32 10.53 10.99
CA HIS A 39 6.44 10.83 11.88
C HIS A 39 6.78 9.52 12.55
N PHE A 40 8.06 9.22 12.63
CA PHE A 40 8.52 7.99 13.26
C PHE A 40 9.35 8.30 14.50
N ASP A 41 8.92 7.80 15.65
CA ASP A 41 9.65 7.99 16.89
C ASP A 41 10.47 6.70 17.04
N PRO A 42 11.77 6.76 16.72
CA PRO A 42 12.67 5.61 16.80
C PRO A 42 12.95 5.03 18.19
N ARG A 43 12.70 5.81 19.24
CA ARG A 43 12.93 5.33 20.59
C ARG A 43 11.70 4.63 21.14
N LYS A 44 10.55 5.28 21.01
CA LYS A 44 9.30 4.71 21.48
C LYS A 44 8.74 3.71 20.48
N LEU A 45 9.36 3.65 19.31
CA LEU A 45 8.95 2.74 18.24
C LEU A 45 7.48 2.90 17.89
N LEU A 46 7.11 4.08 17.46
CA LEU A 46 5.75 4.34 17.06
C LEU A 46 5.71 5.26 15.86
N ILE A 47 4.61 5.20 15.12
CA ILE A 47 4.44 6.02 13.93
C ILE A 47 3.15 6.82 14.12
N GLN A 48 3.21 8.10 13.75
CA GLN A 48 2.05 8.96 13.88
C GLN A 48 1.68 9.62 12.56
N VAL A 49 0.37 9.64 12.28
CA VAL A 49 -0.13 10.25 11.06
C VAL A 49 -1.38 11.05 11.41
N SER A 50 -1.74 11.97 10.53
CA SER A 50 -2.93 12.81 10.71
C SER A 50 -3.97 12.43 9.64
N ILE A 51 -5.19 12.13 10.08
CA ILE A 51 -6.25 11.76 9.14
C ILE A 51 -7.54 12.49 9.48
N ALA A 52 -8.43 12.63 8.51
CA ALA A 52 -9.71 13.28 8.76
C ALA A 52 -10.53 12.17 9.44
N GLU A 53 -11.44 12.54 10.34
CA GLU A 53 -12.27 11.53 11.01
C GLU A 53 -12.90 10.70 9.89
N PRO A 54 -12.74 9.38 9.94
CA PRO A 54 -13.32 8.55 8.88
C PRO A 54 -14.85 8.50 8.82
N ARG A 55 -15.36 8.33 7.61
CA ARG A 55 -16.79 8.25 7.37
C ARG A 55 -17.09 7.06 6.45
N ALA A 56 -18.36 6.72 6.37
CA ALA A 56 -18.81 5.62 5.52
C ALA A 56 -18.03 4.33 5.78
N LYS A 57 -17.67 3.62 4.72
CA LYS A 57 -16.95 2.36 4.86
C LYS A 57 -15.67 2.44 5.70
N THR A 58 -14.99 3.58 5.63
CA THR A 58 -13.75 3.76 6.36
C THR A 58 -13.90 3.92 7.88
N ARG A 59 -15.09 4.27 8.32
CA ARG A 59 -15.35 4.48 9.75
C ARG A 59 -15.08 3.24 10.61
N ASN A 60 -15.11 2.07 9.98
CA ASN A 60 -14.89 0.82 10.71
C ASN A 60 -13.60 0.91 11.52
N LEU A 61 -12.71 1.80 11.11
CA LEU A 61 -11.43 2.02 11.78
C LEU A 61 -11.65 2.22 13.29
N ARG A 62 -12.76 2.89 13.64
CA ARG A 62 -13.11 3.16 15.04
C ARG A 62 -13.37 1.91 15.88
N ARG A 63 -13.89 0.83 15.28
CA ARG A 63 -14.16 -0.39 16.04
C ARG A 63 -13.10 -1.48 15.84
N ASP A 64 -12.29 -1.33 14.80
CA ASP A 64 -11.22 -2.30 14.50
C ASP A 64 -10.04 -1.45 14.02
N PRO A 65 -9.23 -0.94 14.96
CA PRO A 65 -8.07 -0.09 14.71
C PRO A 65 -6.78 -0.75 14.21
N ARG A 66 -6.85 -2.00 13.75
CA ARG A 66 -5.64 -2.65 13.24
C ARG A 66 -5.21 -1.96 11.97
N ALA A 67 -3.96 -1.53 11.91
CA ALA A 67 -3.44 -0.83 10.74
C ALA A 67 -1.98 -1.14 10.42
N SER A 68 -1.58 -0.80 9.19
CA SER A 68 -0.22 -1.02 8.74
C SER A 68 0.19 0.10 7.78
N ILE A 69 1.49 0.33 7.68
CA ILE A 69 2.00 1.35 6.77
C ILE A 69 3.25 0.80 6.08
N LEU A 70 3.25 0.88 4.75
CA LEU A 70 4.40 0.41 3.97
C LEU A 70 5.23 1.62 3.58
N VAL A 71 6.54 1.52 3.79
CA VAL A 71 7.47 2.59 3.48
C VAL A 71 8.48 2.11 2.45
N ASP A 72 8.70 2.90 1.42
CA ASP A 72 9.66 2.55 0.37
C ASP A 72 11.08 2.92 0.73
N ALA A 73 12.01 2.04 0.33
CA ALA A 73 13.42 2.28 0.56
C ALA A 73 13.87 3.13 -0.63
N ASP A 74 15.16 3.41 -0.71
CA ASP A 74 15.72 4.24 -1.77
C ASP A 74 16.35 3.42 -2.90
N ASP A 75 16.29 2.10 -2.80
CA ASP A 75 16.88 1.26 -3.83
C ASP A 75 15.80 0.81 -4.80
N GLY A 76 16.02 -0.32 -5.45
CA GLY A 76 15.05 -0.80 -6.42
C GLY A 76 13.71 -1.33 -5.90
N TRP A 77 13.77 -2.35 -5.03
CA TRP A 77 12.56 -2.98 -4.51
C TRP A 77 12.35 -3.03 -3.00
N SER A 78 13.36 -2.66 -2.23
CA SER A 78 13.23 -2.76 -0.78
C SER A 78 12.13 -1.91 -0.17
N TYR A 79 11.57 -2.41 0.93
CA TYR A 79 10.50 -1.72 1.64
C TYR A 79 10.33 -2.32 3.03
N ALA A 80 9.69 -1.56 3.91
CA ALA A 80 9.44 -1.99 5.28
C ALA A 80 7.97 -1.77 5.57
N VAL A 81 7.38 -2.66 6.36
CA VAL A 81 5.98 -2.50 6.71
C VAL A 81 5.86 -2.54 8.22
N ALA A 82 5.27 -1.50 8.78
CA ALA A 82 5.08 -1.44 10.23
C ALA A 82 3.63 -1.80 10.49
N GLU A 83 3.43 -2.75 11.41
CA GLU A 83 2.10 -3.24 11.75
C GLU A 83 1.77 -3.00 13.22
N GLY A 84 0.51 -2.67 13.52
CA GLY A 84 0.14 -2.44 14.91
C GLY A 84 -1.34 -2.15 15.10
N THR A 85 -1.72 -1.80 16.33
CA THR A 85 -3.10 -1.45 16.65
C THR A 85 -3.10 0.04 16.93
N ALA A 86 -3.77 0.80 16.07
CA ALA A 86 -3.79 2.24 16.20
C ALA A 86 -4.62 2.80 17.34
N GLN A 87 -4.16 3.94 17.87
CA GLN A 87 -4.85 4.64 18.93
C GLN A 87 -5.26 5.97 18.29
N LEU A 88 -6.53 6.34 18.44
CA LEU A 88 -6.99 7.59 17.84
C LEU A 88 -7.49 8.60 18.85
N THR A 89 -7.20 9.87 18.58
CA THR A 89 -7.65 10.95 19.44
C THR A 89 -9.05 11.28 18.97
N PRO A 90 -9.82 12.04 19.77
CA PRO A 90 -11.14 12.34 19.25
C PRO A 90 -10.88 13.33 18.12
N PRO A 91 -11.85 13.52 17.21
CA PRO A 91 -11.61 14.47 16.12
C PRO A 91 -11.51 15.91 16.61
N ALA A 92 -10.66 16.70 15.96
CA ALA A 92 -10.48 18.10 16.33
C ALA A 92 -11.84 18.80 16.21
N ALA A 93 -12.23 19.55 17.24
CA ALA A 93 -13.52 20.24 17.23
C ALA A 93 -13.42 21.72 17.60
N ALA A 94 -12.32 22.08 18.24
CA ALA A 94 -12.08 23.48 18.64
C ALA A 94 -10.63 23.78 18.30
N PRO A 95 -10.36 25.00 17.79
CA PRO A 95 -9.00 25.40 17.42
C PRO A 95 -7.94 25.31 18.52
N ASP A 96 -8.37 25.11 19.76
CA ASP A 96 -7.42 25.02 20.86
C ASP A 96 -7.61 23.79 21.75
N ASP A 97 -8.35 22.79 21.28
CA ASP A 97 -8.53 21.60 22.11
C ASP A 97 -7.28 20.71 22.11
N ASP A 98 -7.28 19.70 22.97
CA ASP A 98 -6.12 18.81 23.09
C ASP A 98 -5.70 18.14 21.79
N THR A 99 -6.66 17.82 20.95
CA THR A 99 -6.34 17.19 19.67
C THR A 99 -5.52 18.11 18.78
N VAL A 100 -5.95 19.36 18.64
CA VAL A 100 -5.22 20.31 17.80
C VAL A 100 -3.81 20.55 18.35
N GLU A 101 -3.70 20.66 19.67
CA GLU A 101 -2.40 20.86 20.28
C GLU A 101 -1.49 19.70 19.92
N ALA A 102 -2.05 18.48 19.92
CA ALA A 102 -1.28 17.30 19.57
C ALA A 102 -0.89 17.33 18.09
N LEU A 103 -1.80 17.83 17.25
CA LEU A 103 -1.53 17.91 15.81
C LEU A 103 -0.49 18.98 15.50
N ILE A 104 -0.36 19.97 16.36
CA ILE A 104 0.62 21.02 16.15
C ILE A 104 2.00 20.43 16.43
N ALA A 105 2.07 19.56 17.44
CA ALA A 105 3.33 18.92 17.78
C ALA A 105 3.72 17.97 16.64
N LEU A 106 2.73 17.29 16.06
CA LEU A 106 3.01 16.39 14.94
C LEU A 106 3.56 17.18 13.77
N TYR A 107 2.89 18.29 13.42
CA TYR A 107 3.36 19.10 12.29
C TYR A 107 4.81 19.53 12.52
N ARG A 108 5.12 19.94 13.75
CA ARG A 108 6.47 20.35 14.07
C ARG A 108 7.48 19.22 13.88
N ASN A 109 7.08 18.01 14.22
CA ASN A 109 7.97 16.86 14.07
C ASN A 109 8.21 16.51 12.60
N ILE A 110 7.19 16.66 11.77
CA ILE A 110 7.28 16.32 10.36
C ILE A 110 7.81 17.44 9.45
N ALA A 111 7.29 18.65 9.61
CA ALA A 111 7.70 19.76 8.76
C ALA A 111 8.46 20.87 9.48
N GLY A 112 8.25 20.99 10.78
CA GLY A 112 8.92 22.04 11.53
C GLY A 112 7.95 23.13 11.94
N GLU A 113 8.45 24.33 12.12
CA GLU A 113 7.62 25.46 12.53
C GLU A 113 6.72 25.97 11.41
N HIS A 114 5.41 26.01 11.67
CA HIS A 114 4.43 26.46 10.70
C HIS A 114 4.45 28.00 10.60
N SER A 115 4.11 28.53 9.44
CA SER A 115 4.11 29.98 9.23
C SER A 115 2.90 30.71 9.81
N ASP A 116 1.75 30.04 9.83
CA ASP A 116 0.53 30.63 10.35
C ASP A 116 -0.22 29.61 11.20
N TRP A 117 0.23 29.42 12.43
CA TRP A 117 -0.40 28.47 13.32
C TRP A 117 -1.92 28.64 13.46
N ASP A 118 -2.41 29.87 13.33
CA ASP A 118 -3.84 30.10 13.43
C ASP A 118 -4.57 29.47 12.25
N ASP A 119 -3.97 29.54 11.07
CA ASP A 119 -4.58 28.96 9.89
C ASP A 119 -4.61 27.44 10.08
N TYR A 120 -3.50 26.89 10.56
CA TYR A 120 -3.38 25.46 10.79
C TYR A 120 -4.49 24.95 11.72
N ARG A 121 -4.66 25.62 12.86
CA ARG A 121 -5.68 25.24 13.83
C ARG A 121 -7.07 25.14 13.21
N GLN A 122 -7.47 26.16 12.45
CA GLN A 122 -8.79 26.14 11.85
C GLN A 122 -8.90 25.06 10.78
N ALA A 123 -7.81 24.78 10.08
CA ALA A 123 -7.80 23.75 9.05
C ALA A 123 -8.06 22.39 9.71
N MET A 124 -7.39 22.16 10.84
CA MET A 124 -7.56 20.90 11.58
C MET A 124 -9.02 20.69 11.98
N VAL A 125 -9.64 21.76 12.46
CA VAL A 125 -11.03 21.69 12.87
C VAL A 125 -11.95 21.46 11.66
N THR A 126 -11.72 22.22 10.59
CA THR A 126 -12.53 22.08 9.38
C THR A 126 -12.45 20.68 8.80
N ASP A 127 -11.32 20.01 8.99
CA ASP A 127 -11.14 18.67 8.47
C ASP A 127 -11.40 17.57 9.51
N ARG A 128 -11.92 17.95 10.67
CA ARG A 128 -12.19 17.00 11.75
C ARG A 128 -10.97 16.08 11.93
N ARG A 129 -9.78 16.66 11.87
CA ARG A 129 -8.54 15.90 11.98
C ARG A 129 -8.37 15.08 13.23
N VAL A 130 -7.84 13.87 13.03
CA VAL A 130 -7.58 12.91 14.10
C VAL A 130 -6.10 12.57 14.06
N LEU A 131 -5.46 12.50 15.22
CA LEU A 131 -4.06 12.12 15.27
C LEU A 131 -4.07 10.62 15.53
N LEU A 132 -3.55 9.86 14.56
CA LEU A 132 -3.48 8.41 14.68
C LEU A 132 -2.09 8.00 15.12
N THR A 133 -2.01 7.33 16.26
CA THR A 133 -0.73 6.86 16.79
C THR A 133 -0.67 5.35 16.64
N LEU A 134 0.36 4.88 15.95
CA LEU A 134 0.50 3.45 15.73
C LEU A 134 1.73 2.85 16.41
N PRO A 135 1.55 2.29 17.62
CA PRO A 135 2.72 1.69 18.28
C PRO A 135 3.04 0.45 17.45
N ILE A 136 4.32 0.28 17.14
CA ILE A 136 4.73 -0.84 16.30
C ILE A 136 4.81 -2.18 17.01
N SER A 137 4.03 -3.15 16.51
CA SER A 137 4.03 -4.49 17.10
C SER A 137 4.83 -5.49 16.25
N HIS A 138 4.78 -5.30 14.94
CA HIS A 138 5.47 -6.19 14.00
C HIS A 138 6.04 -5.39 12.83
N VAL A 139 7.24 -5.76 12.39
CA VAL A 139 7.88 -5.09 11.27
C VAL A 139 8.36 -6.17 10.29
N TYR A 140 7.97 -6.04 9.04
CA TYR A 140 8.37 -7.00 8.02
C TYR A 140 8.60 -6.32 6.67
N GLY A 141 9.11 -7.08 5.71
CA GLY A 141 9.37 -6.53 4.40
C GLY A 141 10.62 -7.09 3.74
N LEU A 142 11.25 -6.27 2.90
CA LEU A 142 12.47 -6.65 2.17
C LEU A 142 13.52 -5.58 2.47
N PRO A 143 14.53 -5.92 3.28
CA PRO A 143 15.62 -5.01 3.67
C PRO A 143 16.61 -4.63 2.57
N PRO A 144 16.90 -3.32 2.43
CA PRO A 144 17.85 -2.90 1.39
C PRO A 144 19.24 -3.33 1.84
N GLY A 145 20.20 -3.38 0.91
CA GLY A 145 21.54 -3.79 1.29
C GLY A 145 22.57 -2.70 1.07
N MET A 146 23.83 -3.08 1.14
CA MET A 146 24.94 -2.16 0.94
C MET A 146 24.76 -1.49 -0.42
N ARG A 147 24.89 -0.17 -0.46
CA ARG A 147 24.71 0.56 -1.70
C ARG A 147 25.33 1.97 -1.64
N VAL B 5 -13.74 11.20 -18.02
CA VAL B 5 -14.35 11.43 -16.67
C VAL B 5 -13.31 11.22 -15.58
N PHE B 6 -13.69 11.50 -14.34
CA PHE B 6 -12.79 11.36 -13.20
C PHE B 6 -12.04 10.03 -13.13
N ASP B 7 -12.73 8.93 -13.46
CA ASP B 7 -12.09 7.61 -13.42
C ASP B 7 -10.92 7.55 -14.40
N ASP B 8 -11.03 8.26 -15.51
CA ASP B 8 -9.96 8.28 -16.50
C ASP B 8 -8.67 8.82 -15.89
N LYS B 9 -8.79 9.76 -14.96
CA LYS B 9 -7.61 10.33 -14.31
C LYS B 9 -6.92 9.28 -13.44
N LEU B 10 -7.71 8.47 -12.76
CA LEU B 10 -7.17 7.42 -11.90
C LEU B 10 -6.54 6.31 -12.73
N LEU B 11 -7.17 5.99 -13.86
CA LEU B 11 -6.65 4.95 -14.72
C LEU B 11 -5.34 5.39 -15.41
N ALA B 12 -5.19 6.69 -15.64
CA ALA B 12 -3.98 7.20 -16.28
C ALA B 12 -2.80 7.00 -15.32
N VAL B 13 -3.06 7.15 -14.03
CA VAL B 13 -2.03 6.94 -13.02
C VAL B 13 -1.57 5.48 -13.10
N ILE B 14 -2.53 4.57 -13.13
CA ILE B 14 -2.22 3.15 -13.21
C ILE B 14 -1.48 2.80 -14.50
N SER B 15 -1.94 3.35 -15.62
CA SER B 15 -1.32 3.08 -16.90
C SER B 15 0.11 3.61 -17.00
N GLY B 16 0.39 4.68 -16.26
CA GLY B 16 1.72 5.26 -16.30
C GLY B 16 2.77 4.70 -15.36
N ASN B 17 2.51 3.56 -14.73
CA ASN B 17 3.49 2.97 -13.82
C ASN B 17 3.56 1.45 -13.97
N SER B 18 4.58 0.84 -13.37
CA SER B 18 4.75 -0.61 -13.46
C SER B 18 4.98 -1.26 -12.09
N ILE B 19 4.87 -0.45 -11.04
CA ILE B 19 5.05 -0.95 -9.68
C ILE B 19 3.93 -0.38 -8.80
N GLY B 20 3.50 -1.16 -7.83
CA GLY B 20 2.46 -0.71 -6.93
C GLY B 20 2.46 -1.47 -5.61
N VAL B 21 1.63 -1.04 -4.68
CA VAL B 21 1.53 -1.70 -3.38
C VAL B 21 0.29 -2.56 -3.37
N LEU B 22 0.51 -3.87 -3.22
CA LEU B 22 -0.58 -4.84 -3.18
C LEU B 22 -1.00 -5.08 -1.75
N ALA B 23 -2.30 -5.05 -1.51
CA ALA B 23 -2.83 -5.31 -0.19
C ALA B 23 -3.72 -6.54 -0.24
N THR B 24 -3.35 -7.57 0.49
CA THR B 24 -4.15 -8.78 0.55
C THR B 24 -4.68 -8.83 1.97
N ILE B 25 -5.54 -9.79 2.26
CA ILE B 25 -6.13 -9.92 3.59
C ILE B 25 -5.62 -11.18 4.29
N LYS B 26 -5.05 -11.01 5.48
CA LYS B 26 -4.53 -12.15 6.23
C LYS B 26 -5.63 -13.05 6.76
N HIS B 27 -5.23 -14.17 7.33
CA HIS B 27 -6.17 -15.14 7.88
C HIS B 27 -7.03 -14.49 8.97
N ASP B 28 -6.42 -13.60 9.74
CA ASP B 28 -7.13 -12.91 10.82
C ASP B 28 -7.86 -11.62 10.41
N GLY B 29 -7.87 -11.33 9.11
CA GLY B 29 -8.56 -10.14 8.63
C GLY B 29 -7.75 -8.87 8.47
N ARG B 30 -6.54 -8.87 9.03
CA ARG B 30 -5.66 -7.71 8.95
C ARG B 30 -5.07 -7.60 7.54
N PRO B 31 -4.81 -6.38 7.06
CA PRO B 31 -4.23 -6.21 5.72
C PRO B 31 -2.75 -6.62 5.72
N GLN B 32 -2.30 -7.20 4.60
CA GLN B 32 -0.90 -7.60 4.43
C GLN B 32 -0.42 -6.77 3.23
N LEU B 33 0.71 -6.08 3.39
CA LEU B 33 1.21 -5.22 2.32
C LEU B 33 2.55 -5.65 1.75
N SER B 34 2.75 -5.37 0.46
CA SER B 34 3.99 -5.69 -0.24
C SER B 34 3.94 -4.93 -1.56
N ASN B 35 5.05 -4.87 -2.28
CA ASN B 35 5.03 -4.20 -3.57
C ASN B 35 5.09 -5.26 -4.66
N VAL B 36 4.64 -4.90 -5.86
CA VAL B 36 4.62 -5.82 -6.97
C VAL B 36 4.86 -5.13 -8.29
N GLN B 37 5.38 -5.89 -9.25
CA GLN B 37 5.63 -5.38 -10.59
C GLN B 37 4.37 -5.80 -11.34
N TYR B 38 3.85 -4.93 -12.18
CA TYR B 38 2.63 -5.28 -12.91
C TYR B 38 2.56 -4.75 -14.33
N HIS B 39 1.57 -5.28 -15.05
CA HIS B 39 1.28 -4.86 -16.41
C HIS B 39 -0.20 -4.50 -16.41
N PHE B 40 -0.53 -3.36 -16.97
CA PHE B 40 -1.91 -2.93 -17.03
C PHE B 40 -2.43 -3.12 -18.45
N ASP B 41 -3.56 -3.82 -18.56
CA ASP B 41 -4.17 -4.05 -19.86
C ASP B 41 -5.36 -3.10 -19.99
N PRO B 42 -5.20 -2.03 -20.78
CA PRO B 42 -6.28 -1.04 -20.96
C PRO B 42 -7.48 -1.65 -21.67
N ARG B 43 -7.21 -2.64 -22.51
CA ARG B 43 -8.24 -3.33 -23.28
C ARG B 43 -9.32 -3.97 -22.43
N LYS B 44 -8.92 -4.71 -21.41
CA LYS B 44 -9.88 -5.38 -20.53
C LYS B 44 -9.87 -4.77 -19.12
N LEU B 45 -9.09 -3.71 -18.94
CA LEU B 45 -8.98 -3.06 -17.65
C LEU B 45 -8.56 -4.09 -16.60
N LEU B 46 -7.38 -4.67 -16.82
CA LEU B 46 -6.84 -5.67 -15.91
C LEU B 46 -5.45 -5.30 -15.45
N ILE B 47 -5.08 -5.79 -14.28
CA ILE B 47 -3.74 -5.57 -13.74
C ILE B 47 -3.21 -6.98 -13.57
N GLN B 48 -2.08 -7.28 -14.22
CA GLN B 48 -1.52 -8.63 -14.15
C GLN B 48 -0.17 -8.65 -13.44
N VAL B 49 -0.03 -9.61 -12.53
CA VAL B 49 1.20 -9.75 -11.76
C VAL B 49 1.60 -11.22 -11.63
N SER B 50 2.89 -11.45 -11.44
CA SER B 50 3.43 -12.80 -11.28
C SER B 50 3.79 -13.01 -9.82
N ILE B 51 3.18 -14.01 -9.19
CA ILE B 51 3.47 -14.29 -7.77
C ILE B 51 3.81 -15.77 -7.55
N ALA B 52 4.53 -16.07 -6.46
CA ALA B 52 4.90 -17.44 -6.15
C ALA B 52 3.96 -18.06 -5.11
N GLU B 53 3.52 -19.28 -5.39
CA GLU B 53 2.58 -19.99 -4.53
C GLU B 53 2.90 -19.94 -3.04
N PRO B 54 4.16 -20.21 -2.64
CA PRO B 54 4.49 -20.19 -1.21
C PRO B 54 4.49 -18.83 -0.49
N ARG B 55 4.43 -17.74 -1.24
CA ARG B 55 4.45 -16.41 -0.63
C ARG B 55 3.18 -16.08 0.14
N ALA B 56 3.33 -15.26 1.18
CA ALA B 56 2.20 -14.86 2.02
C ALA B 56 1.04 -14.29 1.20
N LYS B 57 1.33 -13.34 0.32
CA LYS B 57 0.26 -12.75 -0.49
C LYS B 57 -0.54 -13.78 -1.27
N THR B 58 0.14 -14.76 -1.84
CA THR B 58 -0.56 -15.79 -2.61
C THR B 58 -1.44 -16.64 -1.71
N ARG B 59 -0.90 -17.09 -0.58
CA ARG B 59 -1.69 -17.90 0.34
C ARG B 59 -2.91 -17.11 0.80
N ASN B 60 -2.74 -15.81 1.01
CA ASN B 60 -3.87 -14.96 1.44
C ASN B 60 -4.92 -14.89 0.36
N LEU B 61 -4.48 -14.75 -0.89
CA LEU B 61 -5.39 -14.65 -2.02
C LEU B 61 -6.12 -15.94 -2.33
N ARG B 62 -5.52 -17.07 -1.97
CA ARG B 62 -6.14 -18.39 -2.19
C ARG B 62 -7.36 -18.56 -1.28
N ARG B 63 -7.32 -17.93 -0.11
CA ARG B 63 -8.42 -18.03 0.85
C ARG B 63 -9.44 -16.91 0.68
N ASP B 64 -8.95 -15.72 0.34
CA ASP B 64 -9.80 -14.55 0.12
C ASP B 64 -9.14 -13.80 -1.03
N PRO B 65 -9.71 -13.91 -2.24
CA PRO B 65 -9.20 -13.28 -3.45
C PRO B 65 -9.36 -11.77 -3.59
N ARG B 66 -9.98 -11.11 -2.61
CA ARG B 66 -10.15 -9.67 -2.70
C ARG B 66 -8.79 -8.99 -2.61
N ALA B 67 -8.53 -8.09 -3.55
CA ALA B 67 -7.23 -7.42 -3.59
C ALA B 67 -7.34 -5.95 -3.99
N SER B 68 -6.35 -5.18 -3.55
CA SER B 68 -6.28 -3.76 -3.86
C SER B 68 -4.83 -3.42 -4.17
N ILE B 69 -4.62 -2.52 -5.14
CA ILE B 69 -3.27 -2.12 -5.50
C ILE B 69 -3.21 -0.61 -5.62
N LEU B 70 -2.30 0.02 -4.88
CA LEU B 70 -2.12 1.46 -4.93
C LEU B 70 -0.90 1.78 -5.79
N VAL B 71 -1.07 2.72 -6.72
CA VAL B 71 0.00 3.12 -7.62
C VAL B 71 0.25 4.63 -7.50
N ASP B 72 1.51 5.04 -7.46
CA ASP B 72 1.84 6.46 -7.36
C ASP B 72 1.92 7.13 -8.73
N ALA B 73 1.48 8.39 -8.79
CA ALA B 73 1.54 9.17 -10.02
C ALA B 73 3.00 9.57 -10.22
N ASP B 74 3.30 10.24 -11.32
CA ASP B 74 4.68 10.64 -11.54
C ASP B 74 5.19 11.70 -10.57
N ASP B 75 4.32 12.26 -9.72
CA ASP B 75 4.78 13.24 -8.74
C ASP B 75 5.18 12.56 -7.43
N GLY B 76 4.88 11.27 -7.34
CA GLY B 76 5.22 10.48 -6.16
C GLY B 76 4.38 10.72 -4.91
N TRP B 77 3.28 11.46 -5.07
CA TRP B 77 2.40 11.78 -3.94
C TRP B 77 0.94 11.50 -4.33
N SER B 78 0.54 11.95 -5.51
CA SER B 78 -0.82 11.70 -5.99
C SER B 78 -0.89 10.20 -6.25
N TYR B 79 -2.07 9.61 -6.19
CA TYR B 79 -2.16 8.16 -6.39
C TYR B 79 -3.55 7.69 -6.79
N ALA B 80 -3.59 6.42 -7.18
CA ALA B 80 -4.83 5.76 -7.57
C ALA B 80 -4.81 4.38 -6.93
N VAL B 81 -5.98 3.87 -6.59
CA VAL B 81 -6.09 2.55 -6.00
C VAL B 81 -7.09 1.74 -6.80
N ALA B 82 -6.70 0.53 -7.21
CA ALA B 82 -7.61 -0.34 -7.95
C ALA B 82 -8.08 -1.43 -6.99
N GLU B 83 -9.38 -1.66 -6.98
CA GLU B 83 -9.98 -2.66 -6.12
C GLU B 83 -10.69 -3.68 -6.99
N GLY B 84 -10.55 -4.95 -6.65
CA GLY B 84 -11.22 -5.99 -7.43
C GLY B 84 -11.07 -7.34 -6.80
N THR B 85 -11.50 -8.38 -7.50
CA THR B 85 -11.39 -9.74 -6.99
C THR B 85 -10.42 -10.50 -7.89
N ALA B 86 -9.31 -10.93 -7.30
CA ALA B 86 -8.27 -11.63 -8.01
C ALA B 86 -8.65 -12.99 -8.61
N GLN B 87 -8.07 -13.26 -9.78
CA GLN B 87 -8.28 -14.53 -10.46
C GLN B 87 -6.88 -15.09 -10.62
N LEU B 88 -6.62 -16.21 -9.95
CA LEU B 88 -5.33 -16.86 -9.99
C LEU B 88 -5.33 -18.15 -10.79
N THR B 89 -4.23 -18.39 -11.50
CA THR B 89 -4.09 -19.61 -12.27
C THR B 89 -3.51 -20.63 -11.29
N PRO B 90 -3.55 -21.92 -11.63
CA PRO B 90 -2.95 -22.82 -10.66
C PRO B 90 -1.44 -22.58 -10.81
N PRO B 91 -0.63 -23.04 -9.87
CA PRO B 91 0.80 -22.79 -10.03
C PRO B 91 1.40 -23.60 -11.19
N ALA B 92 2.40 -23.01 -11.87
CA ALA B 92 3.07 -23.68 -12.97
C ALA B 92 3.51 -25.06 -12.49
N ALA B 93 3.10 -26.11 -13.19
CA ALA B 93 3.43 -27.48 -12.81
C ALA B 93 4.32 -28.20 -13.81
N ALA B 94 4.26 -27.78 -15.07
CA ALA B 94 5.06 -28.37 -16.13
C ALA B 94 5.52 -27.23 -17.03
N PRO B 95 6.74 -27.33 -17.57
CA PRO B 95 7.27 -26.28 -18.46
C PRO B 95 6.39 -25.85 -19.61
N ASP B 96 5.46 -26.72 -20.02
CA ASP B 96 4.61 -26.40 -21.15
C ASP B 96 3.14 -26.16 -20.85
N ASP B 97 2.75 -26.13 -19.57
CA ASP B 97 1.33 -25.91 -19.28
C ASP B 97 0.83 -24.49 -19.53
N ASP B 98 -0.48 -24.33 -19.47
CA ASP B 98 -1.12 -23.04 -19.73
C ASP B 98 -0.69 -21.92 -18.78
N THR B 99 -0.36 -22.26 -17.54
CA THR B 99 0.07 -21.25 -16.59
C THR B 99 1.40 -20.67 -17.06
N VAL B 100 2.29 -21.55 -17.53
CA VAL B 100 3.59 -21.10 -18.01
C VAL B 100 3.41 -20.23 -19.25
N GLU B 101 2.52 -20.63 -20.15
CA GLU B 101 2.29 -19.85 -21.36
C GLU B 101 1.75 -18.46 -21.01
N ALA B 102 0.90 -18.40 -19.99
CA ALA B 102 0.33 -17.12 -19.58
C ALA B 102 1.43 -16.24 -18.98
N LEU B 103 2.39 -16.86 -18.28
CA LEU B 103 3.49 -16.11 -17.66
C LEU B 103 4.48 -15.64 -18.72
N ILE B 104 4.58 -16.38 -19.82
CA ILE B 104 5.47 -15.99 -20.90
C ILE B 104 4.88 -14.73 -21.53
N ALA B 105 3.55 -14.71 -21.66
CA ALA B 105 2.86 -13.56 -22.23
C ALA B 105 3.11 -12.34 -21.35
N LEU B 106 3.01 -12.52 -20.04
CA LEU B 106 3.23 -11.43 -19.11
C LEU B 106 4.66 -10.91 -19.19
N TYR B 107 5.62 -11.83 -19.23
CA TYR B 107 7.02 -11.42 -19.30
C TYR B 107 7.24 -10.53 -20.51
N ARG B 108 6.68 -10.92 -21.66
CA ARG B 108 6.82 -10.13 -22.87
C ARG B 108 6.25 -8.73 -22.70
N ASN B 109 5.16 -8.62 -21.95
CA ASN B 109 4.53 -7.33 -21.72
C ASN B 109 5.29 -6.45 -20.74
N ILE B 110 5.94 -7.07 -19.75
CA ILE B 110 6.69 -6.33 -18.73
C ILE B 110 8.14 -6.05 -19.08
N ALA B 111 8.88 -7.12 -19.43
CA ALA B 111 10.30 -6.98 -19.73
C ALA B 111 10.73 -7.15 -21.19
N GLY B 112 9.86 -7.71 -22.02
CA GLY B 112 10.22 -7.90 -23.43
C GLY B 112 10.49 -9.35 -23.77
N GLU B 113 11.25 -9.59 -24.85
CA GLU B 113 11.55 -10.96 -25.28
C GLU B 113 12.67 -11.58 -24.46
N HIS B 114 12.37 -12.70 -23.80
CA HIS B 114 13.36 -13.40 -22.98
C HIS B 114 14.40 -14.04 -23.88
N SER B 115 15.64 -14.13 -23.40
CA SER B 115 16.73 -14.72 -24.16
C SER B 115 16.61 -16.24 -24.30
N ASP B 116 16.24 -16.89 -23.20
CA ASP B 116 16.11 -18.35 -23.19
C ASP B 116 14.79 -18.79 -22.57
N TRP B 117 13.76 -18.87 -23.41
CA TRP B 117 12.43 -19.27 -22.96
C TRP B 117 12.37 -20.62 -22.26
N ASP B 118 13.23 -21.55 -22.66
CA ASP B 118 13.24 -22.86 -22.01
C ASP B 118 13.67 -22.71 -20.57
N ASP B 119 14.62 -21.80 -20.33
CA ASP B 119 15.11 -21.56 -18.98
C ASP B 119 14.01 -20.89 -18.16
N TYR B 120 13.28 -19.99 -18.80
CA TYR B 120 12.19 -19.28 -18.13
C TYR B 120 11.13 -20.29 -17.71
N ARG B 121 10.76 -21.16 -18.64
CA ARG B 121 9.75 -22.18 -18.38
C ARG B 121 10.11 -22.99 -17.14
N GLN B 122 11.36 -23.46 -17.08
CA GLN B 122 11.83 -24.26 -15.96
C GLN B 122 11.77 -23.44 -14.66
N ALA B 123 12.17 -22.17 -14.77
CA ALA B 123 12.17 -21.28 -13.61
C ALA B 123 10.77 -21.09 -13.04
N MET B 124 9.78 -20.90 -13.92
CA MET B 124 8.41 -20.71 -13.46
C MET B 124 7.90 -21.91 -12.68
N VAL B 125 8.26 -23.11 -13.14
CA VAL B 125 7.85 -24.32 -12.47
C VAL B 125 8.57 -24.46 -11.13
N THR B 126 9.87 -24.23 -11.14
CA THR B 126 10.68 -24.34 -9.93
C THR B 126 10.15 -23.43 -8.82
N ASP B 127 9.71 -22.22 -9.20
CA ASP B 127 9.20 -21.28 -8.21
C ASP B 127 7.69 -21.36 -7.97
N ARG B 128 7.04 -22.33 -8.59
CA ARG B 128 5.59 -22.49 -8.43
C ARG B 128 4.89 -21.16 -8.75
N ARG B 129 5.30 -20.52 -9.84
CA ARG B 129 4.71 -19.24 -10.22
C ARG B 129 3.24 -19.29 -10.61
N VAL B 130 2.54 -18.22 -10.29
CA VAL B 130 1.12 -18.07 -10.54
C VAL B 130 0.89 -16.73 -11.20
N LEU B 131 -0.06 -16.67 -12.13
CA LEU B 131 -0.37 -15.41 -12.78
C LEU B 131 -1.61 -14.86 -12.09
N LEU B 132 -1.47 -13.69 -11.49
CA LEU B 132 -2.56 -13.02 -10.81
C LEU B 132 -3.18 -12.00 -11.76
N THR B 133 -4.46 -12.18 -12.05
CA THR B 133 -5.18 -11.26 -12.91
C THR B 133 -6.19 -10.56 -12.02
N LEU B 134 -6.08 -9.24 -11.96
CA LEU B 134 -6.99 -8.46 -11.14
C LEU B 134 -7.83 -7.53 -12.00
N PRO B 135 -9.06 -7.93 -12.32
CA PRO B 135 -9.89 -7.04 -13.13
C PRO B 135 -10.29 -5.88 -12.23
N ILE B 136 -10.07 -4.66 -12.71
CA ILE B 136 -10.41 -3.47 -11.94
C ILE B 136 -11.91 -3.26 -11.87
N SER B 137 -12.49 -3.45 -10.70
CA SER B 137 -13.93 -3.27 -10.52
C SER B 137 -14.22 -1.86 -10.04
N HIS B 138 -13.32 -1.30 -9.24
CA HIS B 138 -13.53 0.03 -8.69
C HIS B 138 -12.18 0.74 -8.54
N VAL B 139 -12.18 2.05 -8.72
CA VAL B 139 -10.96 2.82 -8.54
C VAL B 139 -11.27 4.05 -7.70
N TYR B 140 -10.31 4.43 -6.87
CA TYR B 140 -10.46 5.62 -6.03
C TYR B 140 -9.08 6.18 -5.76
N GLY B 141 -9.04 7.37 -5.15
CA GLY B 141 -7.75 7.97 -4.85
C GLY B 141 -7.72 9.47 -5.05
N LEU B 142 -6.51 10.02 -5.09
CA LEU B 142 -6.32 11.45 -5.27
C LEU B 142 -5.33 11.64 -6.42
N PRO B 143 -5.84 11.72 -7.66
CA PRO B 143 -4.97 11.90 -8.83
C PRO B 143 -4.38 13.29 -8.95
N PRO B 144 -3.40 13.47 -9.83
CA PRO B 144 -2.77 14.78 -9.99
C PRO B 144 -3.80 15.89 -10.13
N GLY B 145 -3.58 16.98 -9.42
CA GLY B 145 -4.50 18.09 -9.46
C GLY B 145 -5.39 18.11 -8.24
N MET B 146 -5.45 16.99 -7.53
CA MET B 146 -6.28 16.92 -6.33
C MET B 146 -5.43 16.98 -5.05
N ARG B 147 -4.11 16.97 -5.20
CA ARG B 147 -3.21 17.04 -4.05
C ARG B 147 -2.28 18.26 -4.14
#